data_3BYJ
#
_entry.id   3BYJ
#
_cell.length_a   51.075
_cell.length_b   67.132
_cell.length_c   123.676
_cell.angle_alpha   90.000
_cell.angle_beta   90.000
_cell.angle_gamma   90.000
#
_symmetry.space_group_name_H-M   'P 21 21 21'
#
loop_
_entity.id
_entity.type
_entity.pdbx_description
1 polymer Levansucrase
2 non-polymer 'CALCIUM ION'
3 water water
#
_entity_poly.entity_id   1
_entity_poly.type   'polypeptide(L)'
_entity_poly.pdbx_seq_one_letter_code
;MNIKKFAKQATVLTFTTALLAGGATQAFAKETNQKPYKETYGISHITRHDMLQIPEQQKNEKYQVPEFDSSTIKNISSAK
GLDVWASWPLQNADGTVANYHGYHIVFALAGDPKNADDTSIYMFYQKVGETSIDSWKNAGRVFKDSDKFDANDSILKDQT
QEWSGSATFTSDGKIRLFYTDFSGKHYGKQTLTTAQVNVSASDSSLNINGVEDYKSIFDGDGKTYQNVQQFIDEGNYSSG
DNHTLRDPHYVEDKGHKYLVFEANTGTEDGYQGEESLFNKAYYGKSTSFFRQESQKLLQSDKKRTAELANGALGMIELND
DYTLKKVMKPLIASNTVTDEIERANVFKMNGKWYLFTDSRGSKMTIDGITSNDIYMLGYVSNSLTGPYKPLNKTGLVLKM
DLDPNDVTFTYSHFAVPQAKGNNVVITSYMTNRGFYADKQSTFAPSFLLNIKGKKTSVVKDSILEQGQLTVNK
;
_entity_poly.pdbx_strand_id   A
#
loop_
_chem_comp.id
_chem_comp.type
_chem_comp.name
_chem_comp.formula
CA non-polymer 'CALCIUM ION' 'Ca 2'
#
# COMPACT_ATOMS: atom_id res chain seq x y z
N GLN A 34 7.56 -11.35 32.67
CA GLN A 34 6.31 -10.78 32.11
C GLN A 34 5.20 -11.82 32.17
N LYS A 35 4.07 -11.44 32.76
CA LYS A 35 2.91 -12.32 32.87
C LYS A 35 2.12 -12.25 31.56
N PRO A 36 1.55 -13.37 31.13
CA PRO A 36 0.64 -13.33 29.96
C PRO A 36 -0.52 -12.35 30.23
N TYR A 37 -0.97 -11.65 29.20
CA TYR A 37 -2.16 -10.78 29.29
C TYR A 37 -2.88 -10.76 27.94
N LYS A 38 -4.05 -10.13 27.88
CA LYS A 38 -4.82 -10.06 26.65
C LYS A 38 -5.44 -8.69 26.49
N GLU A 39 -5.04 -7.99 25.43
CA GLU A 39 -5.56 -6.66 25.13
C GLU A 39 -5.64 -6.45 23.62
N THR A 40 -6.85 -6.26 23.08
CA THR A 40 -7.05 -5.99 21.66
C THR A 40 -6.95 -4.50 21.30
N TYR A 41 -7.05 -3.62 22.30
CA TYR A 41 -7.17 -2.17 22.08
C TYR A 41 -8.38 -1.79 21.21
N GLY A 42 -9.37 -2.69 21.18
CA GLY A 42 -10.57 -2.50 20.38
C GLY A 42 -10.37 -2.52 18.88
N ILE A 43 -9.23 -3.01 18.41
CA ILE A 43 -8.96 -3.08 16.98
C ILE A 43 -8.71 -4.52 16.56
N SER A 44 -8.72 -4.76 15.26
CA SER A 44 -8.45 -6.09 14.71
C SER A 44 -6.95 -6.33 14.64
N HIS A 45 -6.58 -7.57 14.37
CA HIS A 45 -5.18 -8.00 14.43
C HIS A 45 -4.85 -9.11 13.45
N ILE A 46 -3.68 -9.03 12.85
CA ILE A 46 -3.09 -10.10 12.07
C ILE A 46 -2.37 -11.00 13.07
N THR A 47 -2.96 -12.18 13.34
CA THR A 47 -2.48 -13.06 14.40
C THR A 47 -1.44 -14.07 13.91
N ARG A 48 -0.61 -14.52 14.84
CA ARG A 48 0.37 -15.55 14.53
C ARG A 48 -0.31 -16.82 14.04
N HIS A 49 -1.44 -17.20 14.66
CA HIS A 49 -2.10 -18.44 14.29
C HIS A 49 -2.58 -18.43 12.83
N ASP A 50 -3.16 -17.32 12.41
CA ASP A 50 -3.67 -17.21 11.04
C ASP A 50 -2.51 -17.27 10.05
N MET A 51 -1.47 -16.47 10.29
CA MET A 51 -0.29 -16.43 9.44
C MET A 51 0.39 -17.80 9.30
N LEU A 52 0.39 -18.60 10.36
CA LEU A 52 1.03 -19.91 10.33
C LEU A 52 0.33 -20.88 9.37
N GLN A 53 -0.95 -20.63 9.09
CA GLN A 53 -1.72 -21.44 8.13
C GLN A 53 -1.39 -21.17 6.66
N ILE A 54 -0.75 -20.03 6.38
CA ILE A 54 -0.58 -19.59 4.99
C ILE A 54 0.38 -20.45 4.15
N PRO A 55 1.52 -20.90 4.67
CA PRO A 55 2.43 -21.77 3.92
C PRO A 55 1.79 -23.02 3.25
N GLU A 56 0.88 -23.71 3.92
CA GLU A 56 0.15 -24.83 3.32
C GLU A 56 -0.94 -24.33 2.36
N GLN A 57 -1.68 -23.31 2.76
CA GLN A 57 -2.78 -22.75 1.97
C GLN A 57 -2.35 -22.16 0.61
N GLN A 58 -1.18 -21.50 0.59
CA GLN A 58 -0.70 -20.77 -0.58
C GLN A 58 -0.31 -21.66 -1.76
N LYS A 59 -0.24 -22.98 -1.54
CA LYS A 59 -0.03 -23.95 -2.61
C LYS A 59 -1.26 -24.07 -3.53
N ASN A 60 -2.42 -23.58 -3.07
CA ASN A 60 -3.63 -23.55 -3.86
C ASN A 60 -3.57 -22.38 -4.86
N GLU A 61 -3.72 -22.69 -6.15
CA GLU A 61 -3.66 -21.72 -7.24
C GLU A 61 -4.65 -20.54 -7.13
N LYS A 62 -5.77 -20.74 -6.43
CA LYS A 62 -6.73 -19.67 -6.20
C LYS A 62 -6.11 -18.45 -5.49
N TYR A 63 -5.01 -18.65 -4.78
CA TYR A 63 -4.37 -17.56 -4.04
C TYR A 63 -3.00 -17.16 -4.59
N GLN A 64 -2.75 -17.44 -5.87
CA GLN A 64 -1.42 -17.24 -6.46
C GLN A 64 -1.45 -16.23 -7.60
N VAL A 65 -0.54 -15.26 -7.54
CA VAL A 65 -0.25 -14.41 -8.69
C VAL A 65 0.05 -15.32 -9.88
N PRO A 66 -0.70 -15.20 -10.97
CA PRO A 66 -0.47 -16.08 -12.13
C PRO A 66 0.90 -15.86 -12.75
N GLU A 67 1.40 -16.89 -13.41
CA GLU A 67 2.65 -16.81 -14.16
C GLU A 67 2.41 -15.93 -15.39
N PHE A 68 3.36 -15.03 -15.64
CA PHE A 68 3.31 -14.11 -16.77
C PHE A 68 4.31 -14.54 -17.84
N ASP A 69 4.08 -14.05 -19.05
CA ASP A 69 4.86 -14.44 -20.22
C ASP A 69 5.87 -13.33 -20.51
N SER A 70 7.15 -13.58 -20.23
CA SER A 70 8.18 -12.54 -20.33
C SER A 70 8.32 -11.90 -21.71
N SER A 71 8.08 -12.66 -22.78
CA SER A 71 8.25 -12.12 -24.13
C SER A 71 7.12 -11.17 -24.60
N THR A 72 6.10 -10.93 -23.76
CA THR A 72 5.08 -9.91 -24.01
C THR A 72 5.35 -8.60 -23.25
N ILE A 73 6.40 -8.60 -22.43
CA ILE A 73 6.61 -7.52 -21.48
C ILE A 73 7.43 -6.42 -22.10
N LYS A 74 6.90 -5.21 -21.98
CA LYS A 74 7.48 -4.01 -22.55
C LYS A 74 7.74 -2.99 -21.46
N ASN A 75 8.76 -2.18 -21.70
CA ASN A 75 8.98 -0.96 -20.96
C ASN A 75 7.88 0.02 -21.31
N ILE A 76 7.53 0.89 -20.37
CA ILE A 76 6.67 2.04 -20.68
C ILE A 76 7.46 2.98 -21.61
N SER A 77 7.11 2.98 -22.89
CA SER A 77 7.86 3.70 -23.92
C SER A 77 7.94 5.21 -23.74
N SER A 78 6.93 5.79 -23.07
CA SER A 78 6.91 7.23 -22.81
C SER A 78 7.75 7.62 -21.60
N ALA A 79 8.26 6.64 -20.87
CA ALA A 79 9.02 6.88 -19.66
C ALA A 79 10.52 6.82 -19.92
N LYS A 80 10.92 6.62 -21.17
CA LYS A 80 12.28 6.86 -21.63
C LYS A 80 13.40 6.43 -20.68
N GLY A 81 13.52 5.13 -20.43
CA GLY A 81 14.59 4.59 -19.61
C GLY A 81 14.51 4.79 -18.09
N LEU A 82 13.37 5.25 -17.58
CA LEU A 82 13.17 5.34 -16.13
C LEU A 82 12.62 4.01 -15.64
N ASP A 83 12.96 3.65 -14.40
CA ASP A 83 12.19 2.66 -13.67
C ASP A 83 10.88 3.32 -13.29
N VAL A 84 9.78 2.61 -13.55
CA VAL A 84 8.46 3.01 -13.14
C VAL A 84 7.91 1.88 -12.28
N TRP A 85 7.75 2.14 -10.98
CA TRP A 85 7.28 1.12 -10.04
C TRP A 85 5.90 1.44 -9.43
N ALA A 86 5.80 1.58 -8.11
CA ALA A 86 4.51 1.64 -7.42
C ALA A 86 3.59 2.70 -8.04
N SER A 87 2.41 2.28 -8.45
CA SER A 87 1.51 3.18 -9.19
C SER A 87 0.08 3.05 -8.73
N TRP A 88 -0.70 4.09 -8.99
CA TRP A 88 -2.09 4.10 -8.57
C TRP A 88 -2.95 4.94 -9.50
N PRO A 89 -4.19 4.51 -9.73
CA PRO A 89 -5.07 5.25 -10.65
C PRO A 89 -5.72 6.43 -9.96
N LEU A 90 -6.08 7.44 -10.74
CA LEU A 90 -7.02 8.44 -10.25
C LEU A 90 -8.35 7.71 -10.14
N GLN A 91 -8.92 7.80 -8.94
CA GLN A 91 -10.11 7.07 -8.55
C GLN A 91 -11.26 8.02 -8.19
N ASN A 92 -12.49 7.55 -8.37
CA ASN A 92 -13.64 8.22 -7.77
C ASN A 92 -13.63 7.93 -6.27
N ALA A 93 -14.52 8.57 -5.52
CA ALA A 93 -14.51 8.47 -4.06
C ALA A 93 -14.69 7.03 -3.58
N ASP A 94 -15.39 6.21 -4.36
CA ASP A 94 -15.61 4.81 -4.04
C ASP A 94 -14.53 3.83 -4.50
N GLY A 95 -13.51 4.33 -5.19
CA GLY A 95 -12.39 3.51 -5.62
C GLY A 95 -12.42 3.09 -7.08
N THR A 96 -13.54 3.27 -7.75
CA THR A 96 -13.65 3.00 -9.18
C THR A 96 -12.78 3.98 -9.92
N VAL A 97 -12.42 3.63 -11.15
CA VAL A 97 -11.48 4.40 -11.93
C VAL A 97 -12.18 5.64 -12.49
N ALA A 98 -11.52 6.80 -12.32
CA ALA A 98 -12.06 8.07 -12.75
C ALA A 98 -11.82 8.29 -14.22
N ASN A 99 -12.69 9.09 -14.82
CA ASN A 99 -12.53 9.57 -16.19
C ASN A 99 -12.29 11.09 -16.13
N TYR A 100 -11.05 11.50 -16.35
CA TYR A 100 -10.68 12.90 -16.43
C TYR A 100 -10.71 13.39 -17.86
N HIS A 101 -11.79 14.08 -18.24
CA HIS A 101 -11.95 14.69 -19.54
C HIS A 101 -11.57 13.73 -20.68
N GLY A 102 -11.97 12.47 -20.56
CA GLY A 102 -11.78 11.48 -21.61
C GLY A 102 -10.59 10.56 -21.44
N TYR A 103 -9.84 10.77 -20.37
CA TYR A 103 -8.59 10.05 -20.11
C TYR A 103 -8.64 9.30 -18.79
N HIS A 104 -7.94 8.17 -18.71
CA HIS A 104 -7.53 7.59 -17.42
C HIS A 104 -6.18 8.17 -17.04
N ILE A 105 -5.96 8.35 -15.73
CA ILE A 105 -4.71 8.87 -15.21
C ILE A 105 -4.15 7.89 -14.19
N VAL A 106 -2.84 7.67 -14.26
CA VAL A 106 -2.11 6.82 -13.31
C VAL A 106 -0.89 7.58 -12.79
N PHE A 107 -0.76 7.66 -11.48
CA PHE A 107 0.42 8.24 -10.87
C PHE A 107 1.37 7.11 -10.51
N ALA A 108 2.66 7.32 -10.71
CA ALA A 108 3.64 6.28 -10.44
C ALA A 108 4.97 6.84 -9.96
N LEU A 109 5.59 6.12 -9.03
CA LEU A 109 6.97 6.40 -8.64
C LEU A 109 7.89 6.07 -9.80
N ALA A 110 8.79 6.99 -10.11
CA ALA A 110 9.77 6.79 -11.15
C ALA A 110 11.09 7.51 -10.88
N GLY A 111 12.15 7.03 -11.52
CA GLY A 111 13.47 7.58 -11.33
C GLY A 111 14.55 6.81 -12.07
N ASP A 112 15.79 7.27 -11.91
CA ASP A 112 16.97 6.72 -12.57
C ASP A 112 17.27 5.34 -11.97
N PRO A 113 17.29 4.28 -12.78
CA PRO A 113 17.64 2.94 -12.29
C PRO A 113 18.99 2.87 -11.55
N LYS A 114 19.93 3.74 -11.89
CA LYS A 114 21.25 3.78 -11.28
C LYS A 114 21.24 4.44 -9.89
N ASN A 115 20.18 5.16 -9.56
CA ASN A 115 20.11 5.88 -8.28
C ASN A 115 18.92 5.45 -7.45
N ALA A 116 19.17 4.58 -6.48
CA ALA A 116 18.12 4.02 -5.62
C ALA A 116 17.32 5.07 -4.82
N ASP A 117 17.93 6.22 -4.55
CA ASP A 117 17.26 7.30 -3.82
C ASP A 117 16.62 8.37 -4.73
N ASP A 118 16.54 8.10 -6.03
CA ASP A 118 15.90 8.99 -6.98
C ASP A 118 14.46 8.51 -7.22
N THR A 119 13.53 9.13 -6.51
CA THR A 119 12.12 8.77 -6.56
C THR A 119 11.20 10.01 -6.57
N SER A 120 10.49 10.21 -7.70
CA SER A 120 9.42 11.22 -7.83
C SER A 120 8.15 10.66 -8.47
N ILE A 121 7.05 11.37 -8.31
CA ILE A 121 5.76 10.95 -8.87
C ILE A 121 5.63 11.53 -10.26
N TYR A 122 5.42 10.66 -11.26
CA TYR A 122 5.10 11.08 -12.62
C TYR A 122 3.62 10.81 -12.87
N MET A 123 3.03 11.51 -13.82
CA MET A 123 1.63 11.28 -14.20
C MET A 123 1.57 10.77 -15.63
N PHE A 124 0.99 9.60 -15.79
CA PHE A 124 0.80 8.98 -17.08
C PHE A 124 -0.67 9.05 -17.42
N TYR A 125 -1.00 9.02 -18.70
CA TYR A 125 -2.41 9.05 -19.09
C TYR A 125 -2.69 8.37 -20.42
N GLN A 126 -3.91 7.84 -20.52
CA GLN A 126 -4.41 7.23 -21.74
C GLN A 126 -5.85 7.68 -22.04
N LYS A 127 -6.20 7.72 -23.32
CA LYS A 127 -7.60 7.90 -23.73
C LYS A 127 -8.39 6.70 -23.23
N VAL A 128 -9.55 6.96 -22.64
CA VAL A 128 -10.42 5.90 -22.19
C VAL A 128 -10.82 5.06 -23.41
N GLY A 129 -10.77 3.75 -23.24
CA GLY A 129 -10.98 2.82 -24.34
C GLY A 129 -9.70 2.15 -24.77
N GLU A 130 -8.56 2.82 -24.57
CA GLU A 130 -7.26 2.24 -24.93
C GLU A 130 -6.78 1.26 -23.85
N THR A 131 -5.98 0.29 -24.27
CA THR A 131 -5.53 -0.79 -23.38
C THR A 131 -4.04 -1.11 -23.46
N SER A 132 -3.42 -0.85 -24.61
CA SER A 132 -2.03 -1.19 -24.78
C SER A 132 -1.16 -0.35 -23.84
N ILE A 133 -0.10 -0.94 -23.32
CA ILE A 133 0.94 -0.17 -22.63
C ILE A 133 1.45 1.00 -23.50
N ASP A 134 1.49 0.85 -24.83
CA ASP A 134 1.91 1.96 -25.70
C ASP A 134 0.96 3.18 -25.70
N SER A 135 -0.24 3.00 -25.17
CA SER A 135 -1.23 4.10 -25.06
C SER A 135 -0.93 5.07 -23.92
N TRP A 136 -0.08 4.66 -22.98
CA TRP A 136 0.25 5.50 -21.83
C TRP A 136 1.30 6.58 -22.17
N LYS A 137 0.82 7.81 -22.28
CA LYS A 137 1.66 9.00 -22.43
C LYS A 137 2.15 9.51 -21.07
N ASN A 138 3.23 10.29 -21.08
CA ASN A 138 3.94 10.75 -19.87
C ASN A 138 3.77 12.26 -19.79
N ALA A 139 2.99 12.73 -18.81
CA ALA A 139 2.84 14.17 -18.58
C ALA A 139 4.00 14.76 -17.77
N GLY A 140 4.96 13.91 -17.41
CA GLY A 140 6.11 14.30 -16.63
C GLY A 140 5.82 14.30 -15.15
N ARG A 141 6.72 14.90 -14.38
CA ARG A 141 6.61 14.97 -12.93
C ARG A 141 5.40 15.81 -12.53
N VAL A 142 4.73 15.40 -11.46
CA VAL A 142 3.67 16.21 -10.88
C VAL A 142 4.23 17.53 -10.32
N PHE A 143 5.38 17.43 -9.63
CA PHE A 143 5.98 18.52 -8.89
C PHE A 143 7.26 19.06 -9.53
N LYS A 144 7.43 20.37 -9.48
CA LYS A 144 8.73 21.02 -9.64
C LYS A 144 9.48 20.95 -8.32
N ASP A 145 10.81 20.94 -8.37
CA ASP A 145 11.66 21.00 -7.17
C ASP A 145 11.33 22.19 -6.26
N SER A 146 10.97 23.33 -6.86
CA SER A 146 10.62 24.53 -6.09
C SER A 146 9.24 24.47 -5.39
N ASP A 147 8.36 23.56 -5.79
CA ASP A 147 7.01 23.46 -5.21
C ASP A 147 6.98 23.23 -3.70
N LYS A 148 7.94 22.47 -3.19
CA LYS A 148 7.99 22.13 -1.76
C LYS A 148 8.37 23.35 -0.93
N PHE A 149 9.12 24.26 -1.55
CA PHE A 149 9.49 25.51 -0.90
C PHE A 149 8.32 26.50 -0.98
N ASP A 150 7.69 26.60 -2.16
CA ASP A 150 6.60 27.58 -2.35
C ASP A 150 5.37 27.22 -1.52
N ALA A 151 5.25 25.96 -1.12
CA ALA A 151 4.13 25.50 -0.30
C ALA A 151 4.06 26.11 1.11
N ASN A 152 5.12 26.80 1.56
CA ASN A 152 5.17 27.37 2.91
C ASN A 152 4.81 26.32 3.96
N ASP A 153 5.56 25.22 3.92
CA ASP A 153 5.30 24.02 4.69
C ASP A 153 6.65 23.52 5.22
N SER A 154 6.85 23.62 6.55
CA SER A 154 8.14 23.35 7.17
C SER A 154 8.65 21.93 6.89
N ILE A 155 7.76 20.95 7.01
CA ILE A 155 8.13 19.56 6.76
C ILE A 155 8.47 19.37 5.27
N LEU A 156 7.63 19.88 4.37
CA LEU A 156 7.83 19.72 2.93
C LEU A 156 9.16 20.28 2.43
N LYS A 157 9.68 21.35 3.04
CA LYS A 157 10.93 21.90 2.54
C LYS A 157 12.14 20.98 2.83
N ASP A 158 11.94 19.95 3.66
CA ASP A 158 12.98 18.97 3.98
C ASP A 158 12.85 17.65 3.21
N GLN A 159 11.90 17.59 2.29
CA GLN A 159 11.65 16.38 1.51
C GLN A 159 12.81 16.05 0.57
N THR A 160 13.15 14.76 0.46
CA THR A 160 14.15 14.28 -0.50
C THR A 160 13.62 13.26 -1.51
N GLN A 161 12.50 12.60 -1.20
CA GLN A 161 11.81 11.71 -2.15
C GLN A 161 10.27 11.79 -2.01
N GLU A 162 9.58 11.36 -3.05
CA GLU A 162 8.12 11.29 -3.08
C GLU A 162 7.73 9.82 -3.21
N TRP A 163 7.14 9.27 -2.15
CA TRP A 163 6.69 7.87 -2.11
C TRP A 163 5.17 7.80 -2.28
N SER A 164 4.61 6.58 -2.27
CA SER A 164 3.29 6.31 -2.84
C SER A 164 2.13 6.89 -2.04
N GLY A 165 0.98 6.90 -2.70
CA GLY A 165 -0.26 7.27 -2.06
C GLY A 165 -1.43 6.87 -2.93
N SER A 166 -2.35 7.82 -3.12
CA SER A 166 -3.56 7.62 -3.91
C SER A 166 -3.96 8.95 -4.54
N ALA A 167 -4.99 8.95 -5.38
CA ALA A 167 -5.51 10.19 -5.93
C ALA A 167 -6.99 10.03 -6.17
N THR A 168 -7.74 11.06 -5.81
CA THR A 168 -9.18 11.07 -5.99
C THR A 168 -9.60 12.23 -6.88
N PHE A 169 -10.70 12.02 -7.59
CA PHE A 169 -11.27 12.98 -8.52
C PHE A 169 -12.48 13.59 -7.82
N THR A 170 -12.37 14.88 -7.48
CA THR A 170 -13.35 15.53 -6.60
C THR A 170 -14.64 15.83 -7.34
N SER A 171 -15.68 16.13 -6.58
CA SER A 171 -17.00 16.41 -7.13
C SER A 171 -17.02 17.68 -7.96
N ASP A 172 -16.06 18.58 -7.71
CA ASP A 172 -15.88 19.77 -8.52
C ASP A 172 -14.79 19.64 -9.58
N GLY A 173 -14.42 18.42 -9.92
CA GLY A 173 -13.62 18.12 -11.10
C GLY A 173 -12.11 18.35 -10.95
N LYS A 174 -11.58 18.24 -9.73
CA LYS A 174 -10.17 18.47 -9.47
C LYS A 174 -9.44 17.17 -9.19
N ILE A 175 -8.14 17.15 -9.47
CA ILE A 175 -7.30 15.99 -9.21
C ILE A 175 -6.67 16.24 -7.86
N ARG A 176 -7.04 15.40 -6.90
CA ARG A 176 -6.61 15.55 -5.51
C ARG A 176 -5.66 14.43 -5.15
N LEU A 177 -4.38 14.75 -5.09
CA LEU A 177 -3.35 13.79 -4.81
C LEU A 177 -3.08 13.65 -3.30
N PHE A 178 -2.79 12.43 -2.89
CA PHE A 178 -2.22 12.12 -1.57
C PHE A 178 -0.99 11.28 -1.80
N TYR A 179 0.08 11.59 -1.10
CA TYR A 179 1.34 10.85 -1.23
C TYR A 179 2.16 11.00 0.04
N THR A 180 3.30 10.31 0.03
CA THR A 180 4.20 10.24 1.16
C THR A 180 5.43 11.11 0.93
N ASP A 181 5.58 12.12 1.77
CA ASP A 181 6.76 12.97 1.79
C ASP A 181 7.80 12.23 2.63
N PHE A 182 8.88 11.80 1.99
CA PHE A 182 9.98 11.11 2.67
C PHE A 182 11.17 12.03 2.85
N SER A 183 11.71 12.12 4.06
CA SER A 183 12.89 12.95 4.33
C SER A 183 14.09 12.12 4.79
N GLY A 184 15.05 11.96 3.90
CA GLY A 184 16.29 11.27 4.20
C GLY A 184 17.21 12.06 5.11
N LYS A 185 17.01 13.36 5.17
CA LYS A 185 17.79 14.25 6.06
C LYS A 185 17.36 14.16 7.53
N HIS A 186 16.12 13.74 7.75
CA HIS A 186 15.59 13.59 9.10
C HIS A 186 15.22 12.14 9.36
N TYR A 187 16.19 11.25 9.16
CA TYR A 187 16.09 9.85 9.57
C TYR A 187 14.88 9.10 8.98
N GLY A 188 14.55 9.43 7.74
CA GLY A 188 13.47 8.75 7.03
C GLY A 188 12.07 9.08 7.51
N LYS A 189 11.86 10.33 7.92
CA LYS A 189 10.53 10.80 8.28
C LYS A 189 9.60 10.61 7.10
N GLN A 190 8.41 10.09 7.35
CA GLN A 190 7.37 9.97 6.34
C GLN A 190 6.12 10.71 6.78
N THR A 191 5.59 11.58 5.92
CA THR A 191 4.46 12.46 6.25
C THR A 191 3.39 12.39 5.18
N LEU A 192 2.16 12.09 5.60
CA LEU A 192 1.02 12.08 4.68
C LEU A 192 0.80 13.50 4.20
N THR A 193 0.69 13.66 2.89
CA THR A 193 0.75 14.95 2.21
C THR A 193 -0.29 15.01 1.10
N THR A 194 -0.83 16.20 0.84
CA THR A 194 -1.79 16.37 -0.23
C THR A 194 -1.46 17.54 -1.13
N ALA A 195 -1.93 17.44 -2.37
CA ALA A 195 -1.90 18.54 -3.32
C ALA A 195 -3.02 18.41 -4.33
N GLN A 196 -3.47 19.55 -4.85
CA GLN A 196 -4.27 19.59 -6.06
C GLN A 196 -3.35 19.75 -7.26
N VAL A 197 -3.51 18.88 -8.26
CA VAL A 197 -2.72 18.94 -9.49
C VAL A 197 -3.57 19.59 -10.55
N ASN A 198 -3.12 20.74 -11.06
CA ASN A 198 -3.84 21.47 -12.09
C ASN A 198 -3.44 20.97 -13.47
N VAL A 199 -4.42 20.46 -14.21
CA VAL A 199 -4.19 19.81 -15.50
C VAL A 199 -5.16 20.32 -16.56
N SER A 200 -4.60 20.91 -17.62
CA SER A 200 -5.37 21.22 -18.84
C SER A 200 -5.53 20.00 -19.76
N ALA A 201 -6.74 19.86 -20.28
CA ALA A 201 -7.07 18.76 -21.19
C ALA A 201 -7.41 19.30 -22.57
N SER A 202 -6.90 18.64 -23.60
CA SER A 202 -7.29 18.89 -25.00
C SER A 202 -7.64 17.56 -25.65
N ASP A 203 -8.08 17.60 -26.90
CA ASP A 203 -8.43 16.39 -27.64
C ASP A 203 -7.27 15.41 -27.75
N SER A 204 -6.04 15.94 -27.65
CA SER A 204 -4.82 15.19 -27.94
C SER A 204 -3.94 14.89 -26.74
N SER A 205 -3.92 15.78 -25.75
CA SER A 205 -2.97 15.66 -24.64
C SER A 205 -3.50 16.21 -23.31
N LEU A 206 -2.86 15.79 -22.23
CA LEU A 206 -2.99 16.42 -20.92
C LEU A 206 -1.67 17.10 -20.59
N ASN A 207 -1.75 18.22 -19.88
CA ASN A 207 -0.57 19.01 -19.51
C ASN A 207 -0.66 19.53 -18.07
N ILE A 208 0.33 19.19 -17.24
CA ILE A 208 0.39 19.69 -15.86
C ILE A 208 0.90 21.14 -15.85
N ASN A 209 0.05 22.04 -15.36
CA ASN A 209 0.38 23.46 -15.24
C ASN A 209 1.02 23.80 -13.90
N GLY A 210 0.79 22.95 -12.91
CA GLY A 210 1.35 23.14 -11.59
C GLY A 210 0.46 22.55 -10.52
N VAL A 211 0.75 22.89 -9.27
CA VAL A 211 -0.04 22.41 -8.14
C VAL A 211 -0.42 23.55 -7.20
N GLU A 212 -1.37 23.26 -6.32
CA GLU A 212 -1.79 24.19 -5.27
C GLU A 212 -2.36 23.39 -4.11
N ASP A 213 -2.64 24.06 -3.00
CA ASP A 213 -3.12 23.39 -1.80
C ASP A 213 -2.23 22.21 -1.41
N TYR A 214 -0.94 22.50 -1.40
CA TYR A 214 0.12 21.51 -1.26
C TYR A 214 0.60 21.57 0.19
N LYS A 215 0.28 20.54 0.97
CA LYS A 215 0.43 20.62 2.41
C LYS A 215 0.56 19.28 3.11
N SER A 216 1.38 19.25 4.14
CA SER A 216 1.44 18.17 5.09
C SER A 216 0.09 18.08 5.85
N ILE A 217 -0.39 16.85 6.02
CA ILE A 217 -1.60 16.56 6.78
C ILE A 217 -1.32 15.79 8.07
N PHE A 218 -0.35 14.87 8.08
CA PHE A 218 -0.16 14.01 9.25
C PHE A 218 1.21 13.37 9.32
N ASP A 219 1.88 13.53 10.44
CA ASP A 219 3.20 12.95 10.64
C ASP A 219 3.27 12.06 11.89
N GLY A 220 2.12 11.56 12.31
CA GLY A 220 2.03 10.70 13.46
C GLY A 220 1.73 11.49 14.73
N ASP A 221 1.29 10.82 15.79
CA ASP A 221 0.97 11.50 17.05
C ASP A 221 1.55 10.83 18.29
N GLY A 222 2.33 9.77 18.14
CA GLY A 222 2.97 9.11 19.27
C GLY A 222 2.10 8.12 20.02
N LYS A 223 0.82 8.43 20.19
CA LYS A 223 -0.09 7.63 20.99
C LYS A 223 -0.84 6.58 20.15
N THR A 224 -1.19 6.94 18.93
CA THR A 224 -1.95 6.07 18.02
C THR A 224 -1.07 5.52 16.90
N TYR A 225 -0.22 6.39 16.36
CA TYR A 225 0.70 6.04 15.28
C TYR A 225 2.07 6.59 15.63
N GLN A 226 3.09 5.74 15.44
CA GLN A 226 4.49 6.09 15.68
C GLN A 226 4.89 7.28 14.83
N ASN A 227 5.67 8.20 15.42
CA ASN A 227 6.26 9.31 14.68
C ASN A 227 7.78 9.12 14.53
N VAL A 228 8.44 10.02 13.81
CA VAL A 228 9.84 9.79 13.51
C VAL A 228 10.71 9.95 14.74
N GLN A 229 10.35 10.86 15.64
CA GLN A 229 11.09 10.95 16.89
C GLN A 229 11.16 9.62 17.64
N GLN A 230 10.06 8.86 17.66
CA GLN A 230 10.04 7.58 18.37
C GLN A 230 10.99 6.57 17.73
N PHE A 231 11.17 6.68 16.42
CA PHE A 231 12.12 5.88 15.66
C PHE A 231 13.54 6.31 16.06
N ILE A 232 13.75 7.61 16.14
CA ILE A 232 15.04 8.15 16.56
C ILE A 232 15.34 7.75 18.01
N ASP A 233 14.33 7.70 18.88
CA ASP A 233 14.50 7.25 20.27
C ASP A 233 15.15 5.87 20.37
N GLU A 234 14.83 4.97 19.42
CA GLU A 234 15.35 3.59 19.40
C GLU A 234 16.80 3.46 18.90
N GLY A 235 17.31 4.50 18.20
CA GLY A 235 18.60 4.45 17.53
C GLY A 235 18.46 4.40 16.02
N ASN A 236 17.32 4.86 15.51
CA ASN A 236 16.93 4.76 14.10
C ASN A 236 17.30 3.43 13.37
N TYR A 237 18.00 3.47 12.23
CA TYR A 237 18.10 2.29 11.37
C TYR A 237 18.90 1.15 12.01
N SER A 238 19.95 1.47 12.75
CA SER A 238 20.79 0.43 13.37
C SER A 238 20.16 -0.22 14.58
N SER A 239 18.96 0.23 14.99
CA SER A 239 18.18 -0.46 16.04
C SER A 239 17.45 -1.72 15.53
N GLY A 240 17.23 -1.81 14.22
CA GLY A 240 16.39 -2.84 13.62
C GLY A 240 14.92 -2.44 13.47
N ASP A 241 14.53 -1.30 14.05
CA ASP A 241 13.14 -0.82 13.94
C ASP A 241 12.92 -0.33 12.53
N ASN A 242 11.67 -0.32 12.10
CA ASN A 242 11.33 0.06 10.75
C ASN A 242 10.12 0.97 10.80
N HIS A 243 10.38 2.27 10.73
CA HIS A 243 9.34 3.26 10.86
C HIS A 243 8.66 3.53 9.53
N THR A 244 7.33 3.54 9.57
CA THR A 244 6.54 3.76 8.37
C THR A 244 5.38 4.70 8.66
N LEU A 245 5.02 5.49 7.65
CA LEU A 245 3.85 6.34 7.70
C LEU A 245 3.59 6.83 6.27
N ARG A 246 2.96 5.98 5.49
CA ARG A 246 2.96 6.14 4.05
C ARG A 246 1.79 5.47 3.36
N ASP A 247 1.82 5.51 2.03
CA ASP A 247 0.83 4.87 1.16
C ASP A 247 -0.60 5.21 1.52
N PRO A 248 -0.90 6.51 1.67
CA PRO A 248 -2.25 6.94 2.04
C PRO A 248 -3.28 6.67 0.94
N HIS A 249 -4.41 6.14 1.37
CA HIS A 249 -5.47 5.78 0.43
C HIS A 249 -6.76 6.49 0.77
N TYR A 250 -7.24 7.28 -0.17
CA TYR A 250 -8.45 8.07 0.03
C TYR A 250 -9.69 7.20 -0.19
N VAL A 251 -10.67 7.40 0.69
CA VAL A 251 -11.98 6.78 0.54
C VAL A 251 -13.01 7.58 1.30
N GLU A 252 -14.25 7.53 0.83
CA GLU A 252 -15.36 8.18 1.51
C GLU A 252 -16.40 7.19 1.97
N ASP A 253 -17.15 7.58 2.99
CA ASP A 253 -18.36 6.86 3.38
C ASP A 253 -19.36 7.82 4.01
N LYS A 254 -20.54 7.90 3.40
CA LYS A 254 -21.62 8.78 3.82
C LYS A 254 -21.19 10.27 3.79
N GLY A 255 -20.34 10.59 2.82
CA GLY A 255 -19.89 11.96 2.61
C GLY A 255 -18.75 12.41 3.51
N HIS A 256 -18.34 11.54 4.45
CA HIS A 256 -17.16 11.73 5.28
C HIS A 256 -15.92 11.27 4.52
N LYS A 257 -14.82 11.99 4.68
CA LYS A 257 -13.58 11.73 3.94
C LYS A 257 -12.53 11.11 4.86
N TYR A 258 -11.82 10.09 4.35
CA TYR A 258 -10.85 9.36 5.15
C TYR A 258 -9.60 9.03 4.36
N LEU A 259 -8.45 8.93 5.05
CA LEU A 259 -7.29 8.23 4.54
C LEU A 259 -7.02 6.99 5.38
N VAL A 260 -6.79 5.86 4.71
CA VAL A 260 -6.30 4.65 5.33
C VAL A 260 -4.85 4.43 4.79
N PHE A 261 -3.93 4.15 5.71
CA PHE A 261 -2.52 4.26 5.38
C PHE A 261 -1.66 3.24 6.12
N GLU A 262 -0.48 2.97 5.60
CA GLU A 262 0.52 2.20 6.31
C GLU A 262 1.05 3.03 7.47
N ALA A 263 1.15 2.41 8.64
CA ALA A 263 1.75 3.06 9.81
C ALA A 263 2.36 2.02 10.72
N ASN A 264 2.74 2.45 11.92
CA ASN A 264 3.04 1.58 13.02
C ASN A 264 2.31 2.10 14.25
N THR A 265 2.03 1.24 15.22
CA THR A 265 1.29 1.64 16.40
C THR A 265 2.09 2.56 17.28
N GLY A 266 1.36 3.22 18.18
CA GLY A 266 1.92 4.09 19.19
C GLY A 266 1.77 3.51 20.59
N THR A 267 1.95 4.37 21.59
CA THR A 267 2.09 3.96 22.98
C THR A 267 0.78 3.50 23.60
N GLU A 268 -0.35 3.88 23.01
CA GLU A 268 -1.65 3.63 23.62
C GLU A 268 -2.50 2.58 22.87
N ASP A 269 -2.05 2.11 21.71
CA ASP A 269 -2.77 1.05 20.97
C ASP A 269 -1.92 -0.20 20.72
N GLY A 270 -1.01 -0.49 21.65
CA GLY A 270 -0.21 -1.71 21.60
C GLY A 270 1.11 -1.45 20.89
N TYR A 271 2.05 -0.90 21.63
CA TYR A 271 3.33 -0.51 21.08
C TYR A 271 4.31 -1.68 20.97
N GLN A 272 5.32 -1.48 20.13
CA GLN A 272 6.49 -2.35 20.13
C GLN A 272 7.13 -2.38 21.53
N GLY A 273 7.90 -3.43 21.78
CA GLY A 273 8.59 -3.62 23.04
C GLY A 273 8.60 -5.06 23.48
N GLU A 274 9.39 -5.35 24.52
CA GLU A 274 9.46 -6.69 25.09
C GLU A 274 8.09 -7.15 25.58
N GLU A 275 7.30 -6.25 26.17
CA GLU A 275 6.02 -6.64 26.75
C GLU A 275 5.04 -7.18 25.71
N SER A 276 5.19 -6.74 24.45
CA SER A 276 4.24 -7.07 23.41
C SER A 276 4.16 -8.58 23.09
N LEU A 277 5.24 -9.33 23.34
CA LEU A 277 5.23 -10.76 23.02
C LEU A 277 4.32 -11.59 23.93
N PHE A 278 3.88 -10.99 25.03
CA PHE A 278 3.06 -11.68 26.02
C PHE A 278 1.56 -11.34 25.89
N ASN A 279 1.20 -10.57 24.85
CA ASN A 279 -0.20 -10.22 24.57
C ASN A 279 -0.84 -11.28 23.68
N LYS A 280 -1.76 -12.06 24.24
CA LYS A 280 -2.43 -13.16 23.54
C LYS A 280 -3.24 -12.70 22.34
N ALA A 281 -3.72 -11.45 22.37
CA ALA A 281 -4.44 -10.87 21.21
C ALA A 281 -3.66 -11.06 19.91
N TYR A 282 -2.33 -11.02 20.00
CA TYR A 282 -1.48 -11.09 18.81
C TYR A 282 -1.23 -12.52 18.34
N TYR A 283 -1.64 -13.49 19.15
CA TYR A 283 -1.48 -14.91 18.85
C TYR A 283 -2.76 -15.54 18.29
N GLY A 284 -3.93 -15.27 18.88
CA GLY A 284 -5.17 -15.91 18.47
C GLY A 284 -5.24 -17.40 18.82
N LYS A 285 -6.30 -18.07 18.34
CA LYS A 285 -6.55 -19.51 18.55
C LYS A 285 -6.93 -19.91 19.99
N SER A 286 -5.98 -19.82 20.92
CA SER A 286 -6.15 -20.29 22.30
C SER A 286 -4.94 -20.00 23.17
N THR A 287 -5.11 -20.19 24.47
CA THR A 287 -4.00 -20.05 25.42
C THR A 287 -2.96 -21.15 25.25
N SER A 288 -3.41 -22.36 24.92
CA SER A 288 -2.50 -23.45 24.62
C SER A 288 -1.56 -23.05 23.48
N PHE A 289 -2.14 -22.43 22.45
CA PHE A 289 -1.35 -22.00 21.32
C PHE A 289 -0.43 -20.85 21.72
N PHE A 290 -0.93 -19.92 22.51
CA PHE A 290 -0.11 -18.82 23.01
C PHE A 290 1.13 -19.32 23.73
N ARG A 291 0.95 -20.27 24.64
CA ARG A 291 2.06 -20.77 25.45
C ARG A 291 3.13 -21.38 24.58
N GLN A 292 2.70 -22.27 23.69
CA GLN A 292 3.60 -22.95 22.79
C GLN A 292 4.31 -21.98 21.85
N GLU A 293 3.55 -21.15 21.14
CA GLU A 293 4.11 -20.23 20.15
C GLU A 293 4.97 -19.11 20.78
N SER A 294 4.56 -18.60 21.92
CA SER A 294 5.32 -17.54 22.60
C SER A 294 6.65 -18.09 23.13
N GLN A 295 6.65 -19.31 23.64
CA GLN A 295 7.90 -19.85 24.17
C GLN A 295 8.89 -20.20 23.04
N LYS A 296 8.38 -20.63 21.88
CA LYS A 296 9.20 -20.78 20.68
C LYS A 296 9.76 -19.43 20.19
N LEU A 297 8.93 -18.41 20.14
CA LEU A 297 9.36 -17.08 19.68
C LEU A 297 10.44 -16.49 20.60
N LEU A 298 10.23 -16.60 21.91
CA LEU A 298 11.20 -16.09 22.91
C LEU A 298 12.55 -16.83 22.86
N GLN A 299 12.53 -18.07 22.38
CA GLN A 299 13.73 -18.90 22.25
C GLN A 299 14.39 -18.78 20.87
N SER A 300 13.77 -18.03 19.97
CA SER A 300 14.20 -17.96 18.56
C SER A 300 15.09 -16.75 18.27
N ASP A 301 15.69 -16.78 17.08
CA ASP A 301 16.47 -15.65 16.58
C ASP A 301 15.57 -14.50 16.04
N LYS A 302 14.26 -14.68 16.11
CA LYS A 302 13.31 -13.67 15.70
C LYS A 302 12.65 -12.90 16.85
N LYS A 303 13.11 -13.11 18.09
CA LYS A 303 12.53 -12.45 19.26
C LYS A 303 12.57 -10.92 19.14
N ARG A 304 13.73 -10.39 18.79
CA ARG A 304 13.95 -8.95 18.71
C ARG A 304 13.15 -8.34 17.56
N THR A 305 13.19 -8.99 16.40
CA THR A 305 12.38 -8.58 15.25
C THR A 305 10.89 -8.49 15.63
N ALA A 306 10.39 -9.53 16.31
CA ALA A 306 9.00 -9.60 16.73
C ALA A 306 8.61 -8.49 17.72
N GLU A 307 9.53 -8.17 18.63
CA GLU A 307 9.31 -7.13 19.63
C GLU A 307 9.15 -5.78 18.92
N LEU A 308 9.95 -5.58 17.87
CA LEU A 308 9.95 -4.33 17.11
C LEU A 308 8.79 -4.21 16.12
N ALA A 309 8.19 -5.35 15.77
CA ALA A 309 7.13 -5.42 14.78
C ALA A 309 5.81 -4.90 15.34
N ASN A 310 5.35 -3.77 14.82
CA ASN A 310 4.09 -3.18 15.25
C ASN A 310 3.46 -2.42 14.09
N GLY A 311 3.39 -3.08 12.94
CA GLY A 311 2.75 -2.55 11.75
C GLY A 311 1.29 -2.29 12.03
N ALA A 312 0.72 -1.35 11.29
CA ALA A 312 -0.69 -1.03 11.39
C ALA A 312 -1.19 -0.42 10.09
N LEU A 313 -2.45 -0.65 9.79
CA LEU A 313 -3.18 0.12 8.80
C LEU A 313 -3.99 1.14 9.57
N GLY A 314 -3.53 2.38 9.53
CA GLY A 314 -4.16 3.48 10.23
C GLY A 314 -5.28 4.13 9.47
N MET A 315 -5.98 5.03 10.16
CA MET A 315 -7.07 5.78 9.59
C MET A 315 -7.20 7.15 10.26
N ILE A 316 -7.41 8.16 9.42
CA ILE A 316 -7.79 9.50 9.87
C ILE A 316 -8.95 10.00 9.01
N GLU A 317 -9.84 10.77 9.62
CA GLU A 317 -10.82 11.54 8.88
C GLU A 317 -10.22 12.88 8.52
N LEU A 318 -10.60 13.39 7.33
CA LEU A 318 -10.21 14.70 6.84
C LEU A 318 -11.38 15.65 6.80
N ASN A 319 -11.07 16.95 6.87
CA ASN A 319 -12.03 18.00 6.65
C ASN A 319 -12.28 18.14 5.16
N ASP A 320 -13.19 19.03 4.80
CA ASP A 320 -13.58 19.25 3.41
C ASP A 320 -12.50 20.00 2.57
N ASP A 321 -11.54 20.62 3.26
CA ASP A 321 -10.33 21.20 2.63
C ASP A 321 -9.09 20.27 2.72
N TYR A 322 -9.36 19.00 3.02
CA TYR A 322 -8.36 17.91 3.11
C TYR A 322 -7.31 18.03 4.21
N THR A 323 -7.60 18.89 5.19
CA THR A 323 -6.79 18.95 6.40
C THR A 323 -7.30 17.89 7.36
N LEU A 324 -6.55 17.67 8.44
CA LEU A 324 -6.86 16.66 9.43
C LEU A 324 -8.08 17.04 10.31
N LYS A 325 -9.09 16.17 10.34
CA LYS A 325 -10.21 16.33 11.27
C LYS A 325 -10.00 15.53 12.56
N LYS A 326 -9.71 14.23 12.42
CA LYS A 326 -9.69 13.32 13.55
C LYS A 326 -8.70 12.18 13.33
N VAL A 327 -7.82 11.96 14.29
CA VAL A 327 -7.00 10.75 14.30
C VAL A 327 -7.90 9.64 14.85
N MET A 328 -7.99 8.55 14.10
CA MET A 328 -8.86 7.42 14.46
C MET A 328 -8.04 6.17 14.79
N LYS A 329 -8.65 5.20 15.45
CA LYS A 329 -7.94 3.99 15.82
C LYS A 329 -7.59 3.18 14.57
N PRO A 330 -6.51 2.42 14.61
CA PRO A 330 -6.16 1.59 13.44
C PRO A 330 -7.27 0.58 13.14
N LEU A 331 -7.44 0.24 11.86
CA LEU A 331 -8.37 -0.80 11.47
C LEU A 331 -7.81 -2.19 11.82
N ILE A 332 -6.49 -2.33 11.67
CA ILE A 332 -5.80 -3.57 11.97
C ILE A 332 -4.31 -3.32 12.31
N ALA A 333 -3.72 -4.22 13.09
CA ALA A 333 -2.29 -4.15 13.40
C ALA A 333 -1.67 -5.52 13.28
N SER A 334 -0.35 -5.55 13.15
CA SER A 334 0.39 -6.79 12.93
C SER A 334 1.54 -6.94 13.94
N ASN A 335 1.30 -6.55 15.20
CA ASN A 335 2.27 -6.76 16.28
C ASN A 335 2.85 -8.19 16.30
N THR A 336 4.16 -8.28 16.44
CA THR A 336 4.97 -9.52 16.44
C THR A 336 5.23 -10.14 15.08
N VAL A 337 4.30 -9.96 14.14
CA VAL A 337 4.34 -10.61 12.83
C VAL A 337 5.27 -9.82 11.92
N THR A 338 4.98 -8.55 11.74
CA THR A 338 5.82 -7.68 10.95
C THR A 338 5.61 -6.21 11.25
N ASP A 339 6.65 -5.42 10.96
CA ASP A 339 6.64 -3.96 11.05
C ASP A 339 6.16 -3.29 9.76
N GLU A 340 5.95 -4.06 8.70
CA GLU A 340 5.79 -3.48 7.37
C GLU A 340 4.62 -4.07 6.60
N ILE A 341 3.50 -3.36 6.66
CA ILE A 341 2.33 -3.69 5.87
C ILE A 341 2.00 -2.45 5.01
N GLU A 342 2.17 -2.61 3.70
CA GLU A 342 2.20 -1.52 2.72
C GLU A 342 0.98 -1.46 1.81
N ARG A 343 0.91 -0.39 1.01
CA ARG A 343 -0.14 -0.17 0.00
C ARG A 343 -1.51 -0.47 0.55
N ALA A 344 -1.86 0.24 1.62
CA ALA A 344 -3.17 0.13 2.24
C ALA A 344 -4.22 0.45 1.20
N ASN A 345 -5.29 -0.34 1.21
CA ASN A 345 -6.36 -0.19 0.25
C ASN A 345 -7.65 -0.64 0.92
N VAL A 346 -8.73 0.08 0.66
CA VAL A 346 -10.04 -0.27 1.20
C VAL A 346 -11.14 0.28 0.32
N PHE A 347 -12.17 -0.52 0.13
CA PHE A 347 -13.32 -0.15 -0.68
C PHE A 347 -14.53 -1.00 -0.33
N LYS A 348 -15.71 -0.50 -0.65
CA LYS A 348 -16.94 -1.27 -0.54
C LYS A 348 -17.26 -1.93 -1.89
N MET A 349 -17.63 -3.20 -1.86
CA MET A 349 -17.99 -3.96 -3.04
C MET A 349 -19.13 -4.95 -2.71
N ASN A 350 -20.25 -4.79 -3.40
CA ASN A 350 -21.45 -5.61 -3.24
C ASN A 350 -21.85 -5.85 -1.79
N GLY A 351 -21.92 -4.77 -1.02
CA GLY A 351 -22.46 -4.79 0.34
C GLY A 351 -21.44 -4.99 1.46
N LYS A 352 -20.18 -5.27 1.11
CA LYS A 352 -19.13 -5.52 2.12
C LYS A 352 -17.88 -4.65 1.92
N TRP A 353 -17.11 -4.45 2.98
CA TRP A 353 -15.86 -3.69 2.90
C TRP A 353 -14.62 -4.61 2.87
N TYR A 354 -13.70 -4.33 1.97
CA TYR A 354 -12.52 -5.15 1.76
C TYR A 354 -11.29 -4.31 2.01
N LEU A 355 -10.39 -4.82 2.86
CA LEU A 355 -9.19 -4.11 3.31
C LEU A 355 -7.99 -4.99 2.97
N PHE A 356 -7.01 -4.39 2.29
CA PHE A 356 -5.86 -5.10 1.77
C PHE A 356 -4.55 -4.41 2.12
N THR A 357 -3.48 -5.19 2.15
CA THR A 357 -2.15 -4.66 2.32
C THR A 357 -1.15 -5.68 1.80
N ASP A 358 0.02 -5.19 1.37
CA ASP A 358 1.09 -6.04 0.88
C ASP A 358 2.18 -6.18 1.93
N SER A 359 2.88 -7.31 1.93
CA SER A 359 3.89 -7.57 2.95
C SER A 359 4.89 -8.63 2.52
N ARG A 360 6.17 -8.37 2.78
CA ARG A 360 7.26 -9.32 2.47
C ARG A 360 7.46 -10.33 3.59
N GLY A 361 7.41 -11.61 3.24
CA GLY A 361 7.82 -12.70 4.11
C GLY A 361 9.19 -12.56 4.76
N SER A 362 10.11 -11.89 4.07
CA SER A 362 11.47 -11.69 4.58
C SER A 362 11.52 -10.81 5.84
N LYS A 363 10.51 -9.97 6.05
CA LYS A 363 10.46 -9.12 7.24
C LYS A 363 9.48 -9.65 8.31
N MET A 364 8.89 -10.81 8.04
CA MET A 364 8.01 -11.47 9.00
C MET A 364 8.78 -12.42 9.92
N THR A 365 8.08 -12.94 10.94
CA THR A 365 8.66 -13.80 11.97
C THR A 365 7.95 -15.15 12.07
N ILE A 366 7.25 -15.54 11.02
CA ILE A 366 6.36 -16.71 11.04
C ILE A 366 7.07 -17.94 10.46
N ASP A 367 7.11 -19.02 11.24
CA ASP A 367 7.66 -20.30 10.77
C ASP A 367 6.98 -20.73 9.47
N GLY A 368 7.78 -21.03 8.44
CA GLY A 368 7.25 -21.60 7.21
C GLY A 368 7.06 -20.59 6.11
N ILE A 369 6.96 -19.30 6.46
CA ILE A 369 6.98 -18.20 5.51
C ILE A 369 8.43 -17.81 5.28
N THR A 370 8.86 -17.78 4.03
CA THR A 370 10.27 -17.66 3.65
C THR A 370 10.58 -16.27 3.09
N SER A 371 11.87 -16.01 2.85
CA SER A 371 12.28 -14.70 2.34
C SER A 371 11.83 -14.48 0.89
N ASN A 372 11.49 -15.56 0.19
CA ASN A 372 10.93 -15.49 -1.17
C ASN A 372 9.45 -15.06 -1.19
N ASP A 373 8.71 -15.34 -0.12
CA ASP A 373 7.29 -15.08 -0.12
C ASP A 373 6.93 -13.61 0.05
N ILE A 374 6.07 -13.13 -0.83
CA ILE A 374 5.53 -11.78 -0.80
C ILE A 374 4.01 -11.87 -0.99
N TYR A 375 3.25 -11.14 -0.19
CA TYR A 375 1.81 -11.34 -0.08
C TYR A 375 1.01 -10.09 -0.34
N MET A 376 -0.23 -10.27 -0.81
CA MET A 376 -1.32 -9.34 -0.53
C MET A 376 -2.25 -10.05 0.45
N LEU A 377 -2.44 -9.43 1.61
CA LEU A 377 -3.33 -9.91 2.64
C LEU A 377 -4.63 -9.12 2.58
N GLY A 378 -5.70 -9.70 3.07
CA GLY A 378 -7.02 -9.14 2.88
C GLY A 378 -7.98 -9.46 4.00
N TYR A 379 -8.87 -8.53 4.28
CA TYR A 379 -9.79 -8.59 5.41
C TYR A 379 -11.15 -8.04 4.99
N VAL A 380 -12.20 -8.41 5.70
CA VAL A 380 -13.57 -8.05 5.33
C VAL A 380 -14.38 -7.61 6.55
N SER A 381 -15.28 -6.65 6.33
CA SER A 381 -16.14 -6.12 7.39
C SER A 381 -17.50 -5.71 6.80
N ASN A 382 -18.54 -5.63 7.62
CA ASN A 382 -19.81 -5.02 7.19
C ASN A 382 -19.77 -3.48 7.27
N SER A 383 -18.69 -2.92 7.83
CA SER A 383 -18.50 -1.47 7.95
C SER A 383 -17.09 -1.03 7.62
N LEU A 384 -16.97 0.18 7.08
CA LEU A 384 -15.66 0.74 6.81
C LEU A 384 -14.76 0.73 8.05
N THR A 385 -15.31 1.09 9.21
CA THR A 385 -14.50 1.17 10.45
C THR A 385 -14.40 -0.15 11.25
N GLY A 386 -14.91 -1.26 10.69
CA GLY A 386 -14.66 -2.58 11.24
C GLY A 386 -15.82 -3.15 12.04
N PRO A 387 -15.63 -4.29 12.71
CA PRO A 387 -14.35 -5.01 12.79
C PRO A 387 -14.04 -5.84 11.53
N TYR A 388 -12.76 -5.99 11.24
CA TYR A 388 -12.31 -6.73 10.07
C TYR A 388 -11.88 -8.14 10.46
N LYS A 389 -12.36 -9.12 9.70
CA LYS A 389 -11.97 -10.53 9.85
C LYS A 389 -11.23 -10.98 8.57
N PRO A 390 -10.45 -12.05 8.66
CA PRO A 390 -9.62 -12.47 7.52
C PRO A 390 -10.38 -13.04 6.33
N LEU A 391 -9.91 -12.70 5.12
CA LEU A 391 -10.41 -13.31 3.90
C LEU A 391 -9.78 -14.69 3.76
N ASN A 392 -10.56 -15.64 3.26
CA ASN A 392 -10.11 -17.01 3.05
C ASN A 392 -9.58 -17.64 4.35
N LYS A 393 -10.21 -17.26 5.46
CA LYS A 393 -9.90 -17.77 6.81
C LYS A 393 -8.59 -17.26 7.47
N THR A 394 -7.57 -16.94 6.66
CA THR A 394 -6.23 -16.65 7.19
C THR A 394 -5.73 -15.22 6.92
N GLY A 395 -6.31 -14.55 5.92
CA GLY A 395 -5.80 -13.29 5.43
C GLY A 395 -5.18 -13.35 4.05
N LEU A 396 -4.77 -14.54 3.62
CA LEU A 396 -4.12 -14.71 2.34
C LEU A 396 -5.09 -14.42 1.21
N VAL A 397 -4.66 -13.54 0.31
CA VAL A 397 -5.35 -13.27 -0.94
C VAL A 397 -4.40 -13.56 -2.13
N LEU A 398 -3.20 -12.98 -2.12
CA LEU A 398 -2.19 -13.24 -3.15
C LEU A 398 -0.81 -13.62 -2.59
N LYS A 399 -0.18 -14.56 -3.28
CA LYS A 399 1.19 -14.99 -3.01
C LYS A 399 2.01 -14.94 -4.29
N MET A 400 3.21 -14.38 -4.16
CA MET A 400 4.16 -14.23 -5.25
C MET A 400 5.49 -14.61 -4.63
N ASP A 401 6.15 -15.64 -5.14
CA ASP A 401 7.41 -16.11 -4.54
C ASP A 401 8.55 -16.26 -5.53
N LEU A 402 8.47 -15.56 -6.65
CA LEU A 402 9.51 -15.59 -7.66
C LEU A 402 10.83 -15.01 -7.15
N ASP A 403 11.91 -15.54 -7.69
CA ASP A 403 13.26 -15.04 -7.41
C ASP A 403 13.27 -13.55 -7.74
N PRO A 404 13.93 -12.72 -6.92
CA PRO A 404 14.07 -11.29 -7.24
C PRO A 404 14.66 -11.06 -8.65
N ASN A 405 15.46 -11.99 -9.19
CA ASN A 405 16.04 -11.85 -10.53
C ASN A 405 15.08 -12.13 -11.68
N ASP A 406 13.93 -12.74 -11.38
CA ASP A 406 12.96 -13.08 -12.42
C ASP A 406 12.42 -11.78 -13.02
N VAL A 407 12.52 -11.68 -14.34
CA VAL A 407 12.00 -10.54 -15.06
C VAL A 407 10.51 -10.30 -14.73
N THR A 408 9.76 -11.37 -14.50
CA THR A 408 8.31 -11.28 -14.20
C THR A 408 7.93 -11.16 -12.70
N PHE A 409 8.93 -11.06 -11.84
CA PHE A 409 8.73 -10.65 -10.45
C PHE A 409 7.78 -9.46 -10.38
N THR A 410 6.73 -9.54 -9.55
CA THR A 410 5.88 -8.37 -9.33
C THR A 410 5.79 -7.97 -7.86
N TYR A 411 5.45 -6.71 -7.64
CA TYR A 411 5.39 -6.11 -6.31
C TYR A 411 4.35 -4.99 -6.29
N SER A 412 3.87 -4.65 -5.09
CA SER A 412 2.96 -3.51 -4.92
C SER A 412 1.57 -3.79 -5.49
N HIS A 413 1.15 -5.04 -5.39
CA HIS A 413 -0.17 -5.48 -5.81
C HIS A 413 -1.29 -4.63 -5.18
N PHE A 414 -2.29 -4.31 -5.99
CA PHE A 414 -3.33 -3.34 -5.64
C PHE A 414 -4.63 -3.70 -6.33
N ALA A 415 -5.68 -3.84 -5.54
CA ALA A 415 -6.99 -4.22 -6.05
C ALA A 415 -7.78 -2.99 -6.43
N VAL A 416 -8.10 -2.87 -7.71
CA VAL A 416 -8.87 -1.74 -8.22
C VAL A 416 -10.33 -2.14 -8.37
N PRO A 417 -11.21 -1.52 -7.58
CA PRO A 417 -12.63 -1.86 -7.65
C PRO A 417 -13.24 -1.48 -8.99
N GLN A 418 -14.28 -2.21 -9.39
CA GLN A 418 -14.96 -1.98 -10.65
C GLN A 418 -16.40 -1.55 -10.41
N ALA A 419 -16.96 -0.80 -11.36
CA ALA A 419 -18.32 -0.26 -11.23
C ALA A 419 -19.35 -1.33 -10.92
N LYS A 420 -19.21 -2.49 -11.56
CA LYS A 420 -20.11 -3.60 -11.27
C LYS A 420 -19.46 -4.95 -11.44
N GLY A 421 -20.10 -5.97 -10.88
CA GLY A 421 -19.64 -7.35 -10.97
C GLY A 421 -18.86 -7.84 -9.77
N ASN A 422 -18.38 -9.07 -9.89
CA ASN A 422 -17.71 -9.79 -8.81
C ASN A 422 -16.19 -9.79 -8.95
N ASN A 423 -15.67 -9.07 -9.94
CA ASN A 423 -14.22 -8.98 -10.15
C ASN A 423 -13.65 -7.60 -9.84
N VAL A 424 -12.47 -7.59 -9.23
CA VAL A 424 -11.60 -6.42 -9.23
C VAL A 424 -10.36 -6.70 -10.09
N VAL A 425 -9.62 -5.64 -10.40
CA VAL A 425 -8.45 -5.74 -11.26
C VAL A 425 -7.22 -5.56 -10.38
N ILE A 426 -6.29 -6.52 -10.44
CA ILE A 426 -5.02 -6.40 -9.71
C ILE A 426 -3.95 -5.78 -10.59
N THR A 427 -3.49 -4.60 -10.17
CA THR A 427 -2.32 -3.96 -10.74
C THR A 427 -1.09 -4.21 -9.86
N SER A 428 0.06 -4.17 -10.50
CA SER A 428 1.34 -4.23 -9.79
C SER A 428 2.41 -3.76 -10.76
N TYR A 429 3.61 -3.50 -10.25
CA TYR A 429 4.75 -3.25 -11.11
C TYR A 429 5.55 -4.53 -11.32
N MET A 430 6.22 -4.62 -12.46
CA MET A 430 6.97 -5.80 -12.84
C MET A 430 8.44 -5.44 -13.02
N THR A 431 9.31 -6.33 -12.54
CA THR A 431 10.76 -6.21 -12.63
C THR A 431 11.37 -5.27 -11.56
N ASN A 432 12.29 -5.83 -10.78
CA ASN A 432 12.94 -5.07 -9.70
C ASN A 432 13.74 -3.92 -10.24
N ARG A 433 13.70 -2.83 -9.48
CA ARG A 433 14.40 -1.61 -9.80
C ARG A 433 15.89 -1.88 -9.97
N GLY A 434 16.46 -1.33 -11.02
CA GLY A 434 17.91 -1.33 -11.20
C GLY A 434 18.55 -2.68 -11.50
N PHE A 435 17.75 -3.70 -11.78
CA PHE A 435 18.30 -5.04 -11.98
C PHE A 435 18.88 -5.27 -13.38
N TYR A 436 18.18 -4.78 -14.41
CA TYR A 436 18.57 -5.01 -15.81
C TYR A 436 18.65 -3.68 -16.59
N ALA A 437 19.67 -3.54 -17.41
CA ALA A 437 19.87 -2.33 -18.21
C ALA A 437 18.74 -2.10 -19.23
N ASP A 438 18.27 -3.19 -19.86
CA ASP A 438 17.32 -3.10 -20.95
C ASP A 438 15.87 -3.34 -20.50
N LYS A 439 15.67 -3.83 -19.28
CA LYS A 439 14.33 -4.11 -18.78
C LYS A 439 14.09 -3.38 -17.44
N GLN A 440 13.32 -2.29 -17.51
CA GLN A 440 13.08 -1.40 -16.39
C GLN A 440 11.84 -1.84 -15.63
N SER A 441 11.67 -1.34 -14.42
CA SER A 441 10.40 -1.49 -13.74
C SER A 441 9.33 -0.90 -14.65
N THR A 442 8.24 -1.63 -14.79
CA THR A 442 7.20 -1.28 -15.73
C THR A 442 5.85 -1.73 -15.17
N PHE A 443 4.76 -1.38 -15.84
CA PHE A 443 3.42 -1.87 -15.47
C PHE A 443 3.35 -3.37 -15.71
N ALA A 444 3.01 -4.13 -14.66
CA ALA A 444 2.75 -5.57 -14.82
C ALA A 444 1.48 -5.78 -15.64
N PRO A 445 1.37 -6.94 -16.28
CA PRO A 445 0.06 -7.37 -16.79
C PRO A 445 -0.88 -7.41 -15.61
N SER A 446 -2.03 -6.77 -15.75
CA SER A 446 -3.07 -6.84 -14.75
C SER A 446 -3.76 -8.19 -14.85
N PHE A 447 -4.50 -8.56 -13.80
CA PHE A 447 -5.33 -9.75 -13.85
C PHE A 447 -6.54 -9.59 -12.95
N LEU A 448 -7.46 -10.56 -12.99
CA LEU A 448 -8.70 -10.49 -12.23
C LEU A 448 -8.64 -11.30 -10.94
N LEU A 449 -9.20 -10.71 -9.88
CA LEU A 449 -9.47 -11.38 -8.61
C LEU A 449 -10.98 -11.33 -8.36
N ASN A 450 -11.57 -12.52 -8.27
CA ASN A 450 -12.97 -12.70 -7.88
C ASN A 450 -13.15 -12.55 -6.37
N ILE A 451 -14.17 -11.79 -5.96
CA ILE A 451 -14.48 -11.56 -4.53
C ILE A 451 -15.98 -11.76 -4.32
N LYS A 452 -16.33 -12.68 -3.40
CA LYS A 452 -17.70 -12.89 -2.96
C LYS A 452 -17.70 -13.23 -1.47
N GLY A 453 -18.49 -12.51 -0.68
CA GLY A 453 -18.57 -12.77 0.75
C GLY A 453 -17.20 -12.60 1.39
N LYS A 454 -16.73 -13.63 2.10
CA LYS A 454 -15.42 -13.57 2.77
C LYS A 454 -14.35 -14.41 2.06
N LYS A 455 -14.52 -14.60 0.75
CA LYS A 455 -13.66 -15.47 -0.04
C LYS A 455 -13.19 -14.77 -1.32
N THR A 456 -11.97 -15.09 -1.75
CA THR A 456 -11.45 -14.62 -3.02
C THR A 456 -10.83 -15.77 -3.80
N SER A 457 -10.76 -15.59 -5.12
CA SER A 457 -9.97 -16.49 -5.96
C SER A 457 -9.49 -15.77 -7.20
N VAL A 458 -8.27 -16.08 -7.62
CA VAL A 458 -7.74 -15.55 -8.86
C VAL A 458 -8.57 -16.15 -10.00
N VAL A 459 -8.94 -15.31 -10.95
CA VAL A 459 -9.70 -15.77 -12.10
C VAL A 459 -8.73 -16.42 -13.10
N LYS A 460 -8.96 -17.70 -13.35
CA LYS A 460 -8.21 -18.51 -14.32
C LYS A 460 -8.03 -17.77 -15.63
N ASP A 461 -6.79 -17.67 -16.10
CA ASP A 461 -6.48 -17.10 -17.42
C ASP A 461 -7.16 -15.72 -17.65
N SER A 462 -7.00 -14.84 -16.68
CA SER A 462 -7.60 -13.50 -16.73
C SER A 462 -6.55 -12.41 -16.91
N ILE A 463 -5.38 -12.77 -17.48
CA ILE A 463 -4.33 -11.77 -17.69
C ILE A 463 -4.75 -10.77 -18.77
N LEU A 464 -4.57 -9.49 -18.46
CA LEU A 464 -4.95 -8.40 -19.34
C LEU A 464 -3.67 -7.71 -19.83
N GLU A 465 -3.81 -6.50 -20.38
CA GLU A 465 -2.66 -5.71 -20.80
C GLU A 465 -1.86 -5.18 -19.61
N GLN A 466 -0.61 -4.80 -19.88
CA GLN A 466 0.22 -4.11 -18.89
C GLN A 466 -0.39 -2.77 -18.46
N GLY A 467 -0.74 -2.66 -17.18
CA GLY A 467 -1.25 -1.42 -16.62
C GLY A 467 -2.74 -1.18 -16.82
N GLN A 468 -3.45 -2.16 -17.35
CA GLN A 468 -4.88 -2.02 -17.63
C GLN A 468 -5.63 -1.90 -16.32
N LEU A 469 -6.51 -0.90 -16.23
CA LEU A 469 -7.19 -0.54 -14.97
C LEU A 469 -8.61 -1.08 -14.83
N THR A 470 -9.31 -1.25 -15.95
CA THR A 470 -10.69 -1.72 -15.92
C THR A 470 -10.92 -2.92 -16.85
N VAL A 471 -11.96 -3.69 -16.54
CA VAL A 471 -12.42 -4.78 -17.39
C VAL A 471 -13.07 -4.20 -18.64
N ASN A 472 -13.90 -3.17 -18.43
CA ASN A 472 -14.63 -2.49 -19.51
C ASN A 472 -13.71 -1.61 -20.37
N LYS A 473 -13.90 -1.65 -21.68
CA LYS A 473 -12.97 -1.06 -22.65
C LYS A 473 -13.65 0.07 -23.40
CA CA B . 8.36 -0.97 14.90
#